data_6F04
#
_entry.id   6F04
#
_cell.length_a   142.423
_cell.length_b   142.423
_cell.length_c   52.046
_cell.angle_alpha   90.00
_cell.angle_beta   90.00
_cell.angle_gamma   90.00
#
_symmetry.space_group_name_H-M   'P 42 21 2'
#
loop_
_entity.id
_entity.type
_entity.pdbx_description
1 polymer N-acetylglucosamine-2-epimerase
2 non-polymer 'CHLORIDE ION'
3 non-polymer 1,2-ETHANEDIOL
4 water water
#
_entity_poly.entity_id   1
_entity_poly.type   'polypeptide(L)'
_entity_poly.pdbx_seq_one_letter_code
;MEYNFQALAELYKNALLNDVLSFWEKYSLDWQQGGYFTCLDREGKIYDTDKFIWLQNRQVWTFSMLYNQLEKRENWLKIA
SNGANFLAQHGRDSDGNWYFALTREGKPLVHPYNIFSDCFAAMAFSKYALAGGEEWAKDVAMQAYNNVLRRKDNPKGKYN
KTYPGTRPMKSLAVPMILANLTLEMEWLLPKETLENVLAETVREVMTDFLDQERGLMYENVAPDGSHIDCFEGRLINPGH
GIEAMWFIMDIARRQNDTKTINQAVDVVLNILNFAWDSEYGGLYYFMDADGHPPQQLEWDQKLWWVHLESLVALAMGYRL
TGREACWEWYQKMHDYAWSHFADSEYGEWFGYLNRRGEVLLNLKGGKWKGCFHVPRALYLCWQQFEAIATPLQHHHHHH
;
_entity_poly.pdbx_strand_id   A
#
loop_
_chem_comp.id
_chem_comp.type
_chem_comp.name
_chem_comp.formula
CL non-polymer 'CHLORIDE ION' 'Cl -1'
EDO non-polymer 1,2-ETHANEDIOL 'C2 H6 O2'
#
# COMPACT_ATOMS: atom_id res chain seq x y z
N TYR A 3 12.57 -16.08 -19.99
CA TYR A 3 12.63 -14.62 -19.91
C TYR A 3 11.47 -13.98 -20.66
N ASN A 4 10.26 -14.47 -20.47
N ASN A 4 10.27 -14.44 -20.33
CA ASN A 4 9.17 -13.89 -21.26
CA ASN A 4 9.02 -14.02 -20.96
C ASN A 4 8.52 -12.74 -20.54
C ASN A 4 8.48 -12.70 -20.43
N PHE A 5 9.23 -11.62 -20.62
CA PHE A 5 8.82 -10.34 -20.08
C PHE A 5 7.53 -9.83 -20.69
N GLN A 6 7.35 -10.03 -22.00
CA GLN A 6 6.16 -9.49 -22.66
C GLN A 6 4.90 -10.24 -22.22
N ALA A 7 5.04 -11.54 -21.97
CA ALA A 7 3.89 -12.32 -21.52
C ALA A 7 3.50 -11.91 -20.10
N LEU A 8 4.49 -11.58 -19.28
CA LEU A 8 4.22 -11.11 -17.92
C LEU A 8 3.53 -9.75 -17.95
N ALA A 9 4.00 -8.86 -18.82
CA ALA A 9 3.35 -7.57 -18.99
C ALA A 9 1.87 -7.75 -19.34
N GLU A 10 1.60 -8.65 -20.28
CA GLU A 10 0.23 -8.94 -20.71
C GLU A 10 -0.60 -9.58 -19.60
N LEU A 11 0.01 -10.46 -18.82
CA LEU A 11 -0.68 -11.10 -17.71
C LEU A 11 -1.20 -10.06 -16.73
N TYR A 12 -0.34 -9.13 -16.32
CA TYR A 12 -0.72 -8.11 -15.34
C TYR A 12 -1.72 -7.12 -15.92
N LYS A 13 -1.53 -6.71 -17.17
CA LYS A 13 -2.45 -5.79 -17.82
C LYS A 13 -3.87 -6.40 -17.90
N ASN A 14 -3.94 -7.65 -18.32
CA ASN A 14 -5.24 -8.33 -18.43
C ASN A 14 -5.91 -8.56 -17.07
N ALA A 15 -5.11 -8.89 -16.06
CA ALA A 15 -5.66 -9.14 -14.72
C ALA A 15 -6.21 -7.86 -14.13
N LEU A 16 -5.52 -6.75 -14.35
CA LEU A 16 -5.99 -5.46 -13.88
C LEU A 16 -7.26 -5.04 -14.61
N LEU A 17 -7.21 -5.00 -15.94
CA LEU A 17 -8.29 -4.39 -16.71
C LEU A 17 -9.51 -5.29 -16.87
N ASN A 18 -9.30 -6.60 -17.00
CA ASN A 18 -10.40 -7.50 -17.34
C ASN A 18 -10.97 -8.28 -16.16
N ASP A 19 -10.25 -8.26 -15.05
CA ASP A 19 -10.63 -9.06 -13.90
C ASP A 19 -10.87 -8.15 -12.70
N VAL A 20 -9.80 -7.57 -12.20
CA VAL A 20 -9.85 -6.87 -10.92
C VAL A 20 -10.66 -5.56 -10.96
N LEU A 21 -10.38 -4.66 -11.89
CA LEU A 21 -11.19 -3.44 -11.96
C LEU A 21 -12.66 -3.78 -12.23
N SER A 22 -12.89 -4.78 -13.08
CA SER A 22 -14.24 -5.22 -13.42
C SER A 22 -15.01 -5.67 -12.16
N PHE A 23 -14.33 -6.40 -11.29
CA PHE A 23 -14.93 -6.88 -10.05
C PHE A 23 -15.41 -5.70 -9.20
N TRP A 24 -14.55 -4.71 -9.00
CA TRP A 24 -14.96 -3.56 -8.20
C TRP A 24 -16.05 -2.74 -8.89
N GLU A 25 -15.99 -2.63 -10.22
CA GLU A 25 -17.02 -1.89 -10.96
C GLU A 25 -18.38 -2.56 -10.84
N LYS A 26 -18.38 -3.88 -10.87
CA LYS A 26 -19.63 -4.65 -10.88
C LYS A 26 -20.27 -4.74 -9.51
N TYR A 27 -19.46 -4.91 -8.47
CA TYR A 27 -20.00 -5.27 -7.16
C TYR A 27 -19.93 -4.19 -6.06
N SER A 28 -19.07 -3.18 -6.20
CA SER A 28 -18.80 -2.31 -5.05
C SER A 28 -19.45 -0.92 -5.06
N LEU A 29 -20.05 -0.50 -6.17
CA LEU A 29 -20.56 0.89 -6.20
C LEU A 29 -21.88 1.04 -5.44
N ASP A 30 -21.92 2.01 -4.51
CA ASP A 30 -23.18 2.44 -3.90
C ASP A 30 -23.68 3.66 -4.65
N TRP A 31 -24.40 3.41 -5.73
CA TRP A 31 -24.85 4.51 -6.56
C TRP A 31 -26.01 5.27 -5.91
N GLN A 32 -26.70 4.64 -4.97
CA GLN A 32 -27.83 5.31 -4.30
C GLN A 32 -27.36 6.32 -3.27
N GLN A 33 -26.38 5.94 -2.44
CA GLN A 33 -25.97 6.79 -1.33
C GLN A 33 -24.54 7.36 -1.45
N GLY A 34 -23.76 6.88 -2.43
CA GLY A 34 -22.39 7.35 -2.58
C GLY A 34 -21.39 6.43 -1.89
N GLY A 35 -20.12 6.51 -2.29
CA GLY A 35 -19.10 5.64 -1.72
C GLY A 35 -19.24 4.23 -2.26
N TYR A 36 -18.63 3.29 -1.54
CA TYR A 36 -18.45 1.95 -2.05
C TYR A 36 -18.72 0.91 -0.97
N PHE A 37 -19.21 -0.25 -1.38
CA PHE A 37 -19.28 -1.39 -0.47
C PHE A 37 -17.98 -2.17 -0.59
N THR A 38 -17.24 -2.34 0.51
CA THR A 38 -16.02 -3.13 0.44
C THR A 38 -16.20 -4.52 1.04
N CYS A 39 -17.26 -4.71 1.82
CA CYS A 39 -17.44 -6.02 2.46
C CYS A 39 -18.14 -6.96 1.49
N LEU A 40 -17.34 -7.59 0.63
CA LEU A 40 -17.79 -8.43 -0.48
C LEU A 40 -17.31 -9.87 -0.29
N ASP A 41 -18.18 -10.86 -0.43
CA ASP A 41 -17.73 -12.23 -0.21
C ASP A 41 -17.03 -12.75 -1.48
N ARG A 42 -16.76 -14.04 -1.54
CA ARG A 42 -16.00 -14.60 -2.65
C ARG A 42 -16.62 -14.27 -4.00
N GLU A 43 -17.95 -14.28 -4.04
CA GLU A 43 -18.70 -14.11 -5.28
C GLU A 43 -19.12 -12.67 -5.54
N GLY A 44 -18.75 -11.75 -4.67
CA GLY A 44 -19.10 -10.36 -4.87
C GLY A 44 -20.33 -9.92 -4.10
N LYS A 45 -20.90 -10.83 -3.31
CA LYS A 45 -22.10 -10.50 -2.56
C LYS A 45 -21.76 -9.64 -1.36
N ILE A 46 -22.61 -8.65 -1.08
CA ILE A 46 -22.37 -7.72 0.03
C ILE A 46 -22.77 -8.34 1.36
N TYR A 47 -21.88 -8.31 2.37
CA TYR A 47 -22.24 -8.83 3.68
C TYR A 47 -22.20 -7.78 4.80
N ASP A 48 -21.92 -6.52 4.43
CA ASP A 48 -21.96 -5.43 5.39
C ASP A 48 -21.96 -4.14 4.60
N THR A 49 -22.76 -3.15 5.02
CA THR A 49 -22.85 -1.90 4.26
C THR A 49 -22.07 -0.72 4.87
N ASP A 50 -21.32 -0.96 5.94
CA ASP A 50 -20.54 0.14 6.54
C ASP A 50 -19.45 0.64 5.58
N LYS A 51 -19.07 1.90 5.76
CA LYS A 51 -18.11 2.56 4.86
C LYS A 51 -16.82 2.84 5.60
N PHE A 52 -15.79 2.07 5.30
CA PHE A 52 -14.50 2.20 5.98
C PHE A 52 -13.64 3.19 5.22
N ILE A 53 -13.43 4.34 5.85
CA ILE A 53 -12.88 5.53 5.20
C ILE A 53 -11.50 5.33 4.57
N TRP A 54 -10.62 4.54 5.18
CA TRP A 54 -9.37 4.19 4.51
C TRP A 54 -9.61 3.67 3.11
N LEU A 55 -10.53 2.71 3.04
CA LEU A 55 -10.80 2.01 1.80
C LEU A 55 -11.61 2.87 0.84
N GLN A 56 -12.46 3.74 1.37
CA GLN A 56 -13.21 4.64 0.50
C GLN A 56 -12.23 5.55 -0.22
N ASN A 57 -11.32 6.16 0.55
CA ASN A 57 -10.30 7.03 -0.01
C ASN A 57 -9.36 6.29 -0.96
N ARG A 58 -8.91 5.09 -0.58
CA ARG A 58 -8.03 4.32 -1.47
C ARG A 58 -8.68 4.04 -2.82
N GLN A 59 -10.00 3.78 -2.84
CA GLN A 59 -10.68 3.46 -4.10
C GLN A 59 -10.83 4.71 -4.97
N VAL A 60 -11.12 5.84 -4.36
CA VAL A 60 -11.10 7.12 -5.08
C VAL A 60 -9.71 7.31 -5.71
N TRP A 61 -8.67 7.05 -4.93
CA TRP A 61 -7.31 7.21 -5.44
C TRP A 61 -7.04 6.29 -6.64
N THR A 62 -7.42 5.03 -6.52
CA THR A 62 -7.09 4.05 -7.56
C THR A 62 -7.73 4.43 -8.89
N PHE A 63 -9.01 4.77 -8.86
CA PHE A 63 -9.67 5.07 -10.12
C PHE A 63 -9.21 6.43 -10.68
N SER A 64 -8.94 7.38 -9.79
CA SER A 64 -8.41 8.68 -10.22
C SER A 64 -7.02 8.54 -10.85
N MET A 65 -6.17 7.76 -10.20
CA MET A 65 -4.81 7.51 -10.69
C MET A 65 -4.86 6.90 -12.09
N LEU A 66 -5.69 5.89 -12.28
CA LEU A 66 -5.74 5.20 -13.56
C LEU A 66 -6.29 6.11 -14.65
N TYR A 67 -7.26 6.94 -14.27
CA TYR A 67 -7.80 7.94 -15.19
C TYR A 67 -6.71 8.90 -15.64
N ASN A 68 -5.91 9.36 -14.69
CA ASN A 68 -4.87 10.33 -14.95
C ASN A 68 -3.66 9.76 -15.70
N GLN A 69 -3.29 8.52 -15.40
CA GLN A 69 -2.03 7.96 -15.91
C GLN A 69 -2.16 6.93 -17.02
N LEU A 70 -3.32 6.29 -17.12
CA LEU A 70 -3.48 5.18 -18.06
C LEU A 70 -4.43 5.54 -19.20
N GLU A 71 -5.69 5.80 -18.87
CA GLU A 71 -6.68 6.13 -19.90
C GLU A 71 -7.83 6.90 -19.30
N LYS A 72 -8.27 7.94 -20.00
CA LYS A 72 -9.37 8.77 -19.49
C LYS A 72 -10.72 8.13 -19.80
N ARG A 73 -10.96 6.97 -19.20
CA ARG A 73 -12.25 6.31 -19.31
C ARG A 73 -13.29 7.00 -18.44
N GLU A 74 -14.38 7.42 -19.07
CA GLU A 74 -15.43 8.17 -18.37
C GLU A 74 -15.96 7.42 -17.15
N ASN A 75 -16.13 6.11 -17.28
CA ASN A 75 -16.68 5.33 -16.16
C ASN A 75 -15.77 5.35 -14.93
N TRP A 76 -14.45 5.38 -15.15
CA TRP A 76 -13.50 5.47 -14.03
C TRP A 76 -13.64 6.80 -13.27
N LEU A 77 -13.82 7.90 -13.99
CA LEU A 77 -13.97 9.18 -13.33
C LEU A 77 -15.31 9.26 -12.58
N LYS A 78 -16.37 8.74 -13.18
CA LYS A 78 -17.67 8.72 -12.48
C LYS A 78 -17.58 7.87 -11.22
N ILE A 79 -16.83 6.77 -11.28
CA ILE A 79 -16.68 5.95 -10.08
C ILE A 79 -15.91 6.72 -9.00
N ALA A 80 -14.85 7.42 -9.41
CA ALA A 80 -14.10 8.25 -8.48
C ALA A 80 -14.96 9.37 -7.87
N SER A 81 -15.78 10.02 -8.69
CA SER A 81 -16.67 11.06 -8.18
C SER A 81 -17.66 10.54 -7.14
N ASN A 82 -18.17 9.33 -7.37
CA ASN A 82 -19.14 8.76 -6.46
C ASN A 82 -18.57 8.63 -5.05
N GLY A 83 -17.26 8.34 -4.96
CA GLY A 83 -16.61 8.36 -3.67
C GLY A 83 -16.25 9.74 -3.15
N ALA A 84 -15.66 10.57 -4.01
CA ALA A 84 -15.14 11.86 -3.56
C ALA A 84 -16.24 12.78 -3.02
N ASN A 85 -17.38 12.80 -3.69
CA ASN A 85 -18.50 13.64 -3.26
C ASN A 85 -19.06 13.16 -1.91
N PHE A 86 -19.21 11.86 -1.78
CA PHE A 86 -19.66 11.24 -0.52
C PHE A 86 -18.71 11.57 0.63
N LEU A 87 -17.42 11.39 0.38
CA LEU A 87 -16.40 11.63 1.41
C LEU A 87 -16.29 13.11 1.78
N ALA A 88 -16.38 14.00 0.80
CA ALA A 88 -16.30 15.44 1.10
C ALA A 88 -17.45 15.86 1.99
N GLN A 89 -18.62 15.24 1.80
CA GLN A 89 -19.79 15.62 2.58
C GLN A 89 -19.81 15.01 3.98
N HIS A 90 -19.30 13.78 4.13
CA HIS A 90 -19.50 13.04 5.39
C HIS A 90 -18.23 12.64 6.12
N GLY A 91 -17.07 12.81 5.49
CA GLY A 91 -15.84 12.18 5.97
C GLY A 91 -15.12 12.84 7.14
N ARG A 92 -15.43 14.11 7.42
CA ARG A 92 -14.65 14.88 8.37
C ARG A 92 -15.49 15.40 9.56
N ASP A 93 -14.85 15.54 10.73
CA ASP A 93 -15.51 16.17 11.87
C ASP A 93 -15.39 17.69 11.70
N SER A 94 -15.92 18.45 12.66
CA SER A 94 -15.94 19.90 12.58
C SER A 94 -14.55 20.54 12.49
N ASP A 95 -13.54 19.86 13.01
CA ASP A 95 -12.18 20.38 12.97
C ASP A 95 -11.42 19.92 11.72
N GLY A 96 -12.10 19.21 10.84
CA GLY A 96 -11.50 18.79 9.58
C GLY A 96 -10.72 17.49 9.65
N ASN A 97 -10.84 16.79 10.78
CA ASN A 97 -10.19 15.51 10.94
C ASN A 97 -11.05 14.39 10.36
N TRP A 98 -10.42 13.46 9.67
CA TRP A 98 -11.14 12.38 8.99
C TRP A 98 -11.58 11.28 9.94
N TYR A 99 -12.84 10.86 9.82
CA TYR A 99 -13.35 9.72 10.56
C TYR A 99 -12.69 8.42 10.10
N PHE A 100 -12.88 7.34 10.84
CA PHE A 100 -12.37 6.05 10.41
C PHE A 100 -13.46 5.23 9.70
N ALA A 101 -14.70 5.35 10.14
CA ALA A 101 -15.79 4.57 9.56
C ALA A 101 -17.11 5.32 9.68
N LEU A 102 -17.96 5.15 8.67
CA LEU A 102 -19.31 5.72 8.65
C LEU A 102 -20.36 4.63 8.38
N THR A 103 -21.62 4.91 8.68
CA THR A 103 -22.68 4.02 8.20
C THR A 103 -22.82 4.18 6.69
N ARG A 104 -23.63 3.32 6.07
CA ARG A 104 -23.86 3.41 4.63
C ARG A 104 -24.21 4.82 4.19
N GLU A 105 -25.09 5.48 4.95
CA GLU A 105 -25.58 6.81 4.55
C GLU A 105 -24.65 7.94 4.97
N GLY A 106 -23.58 7.61 5.69
CA GLY A 106 -22.56 8.60 6.02
C GLY A 106 -22.55 9.13 7.43
N LYS A 107 -23.30 8.49 8.34
CA LYS A 107 -23.27 8.90 9.74
C LYS A 107 -22.00 8.37 10.38
N PRO A 108 -21.36 9.17 11.24
CA PRO A 108 -20.06 8.77 11.79
C PRO A 108 -20.15 7.67 12.84
N LEU A 109 -19.29 6.68 12.71
CA LEU A 109 -19.25 5.56 13.64
C LEU A 109 -18.04 5.63 14.56
N VAL A 110 -16.89 5.84 13.96
CA VAL A 110 -15.61 5.75 14.61
C VAL A 110 -14.76 6.96 14.27
N HIS A 111 -14.19 7.60 15.29
CA HIS A 111 -13.16 8.60 15.06
C HIS A 111 -11.83 7.98 15.43
N PRO A 112 -10.85 8.06 14.52
CA PRO A 112 -9.54 7.43 14.72
C PRO A 112 -8.57 8.28 15.52
N TYR A 113 -7.59 7.63 16.14
CA TYR A 113 -6.56 8.32 16.90
C TYR A 113 -5.35 8.60 16.03
N ASN A 114 -5.19 7.78 14.99
N ASN A 114 -5.13 7.78 15.01
CA ASN A 114 -4.04 7.81 14.10
CA ASN A 114 -3.93 7.92 14.21
C ASN A 114 -4.07 8.95 13.08
C ASN A 114 -4.14 8.86 13.02
N ILE A 115 -3.15 8.91 12.14
CA ILE A 115 -3.15 9.86 11.04
C ILE A 115 -3.30 9.17 9.69
N PHE A 116 -3.50 7.85 9.67
CA PHE A 116 -3.50 7.16 8.40
C PHE A 116 -4.79 7.45 7.63
N SER A 117 -5.86 7.79 8.34
CA SER A 117 -7.08 8.23 7.67
C SER A 117 -6.82 9.50 6.87
N ASP A 118 -6.23 10.50 7.52
CA ASP A 118 -5.87 11.74 6.87
C ASP A 118 -4.90 11.49 5.72
N CYS A 119 -3.99 10.54 5.90
CA CYS A 119 -3.03 10.18 4.85
C CYS A 119 -3.72 9.76 3.57
N PHE A 120 -4.64 8.81 3.68
CA PHE A 120 -5.29 8.27 2.51
C PHE A 120 -6.23 9.31 1.89
N ALA A 121 -6.78 10.21 2.71
CA ALA A 121 -7.65 11.29 2.21
C ALA A 121 -6.84 12.32 1.41
N ALA A 122 -5.68 12.70 1.92
CA ALA A 122 -4.79 13.61 1.18
C ALA A 122 -4.42 13.02 -0.18
N MET A 123 -4.01 11.75 -0.15
N MET A 123 -4.02 11.76 -0.19
CA MET A 123 -3.66 10.96 -1.33
CA MET A 123 -3.64 11.11 -1.43
C MET A 123 -4.79 10.96 -2.37
C MET A 123 -4.81 10.99 -2.42
N ALA A 124 -5.98 10.60 -1.92
CA ALA A 124 -7.15 10.47 -2.81
C ALA A 124 -7.59 11.79 -3.43
N PHE A 125 -7.67 12.82 -2.61
CA PHE A 125 -8.24 14.08 -3.11
C PHE A 125 -7.21 14.82 -3.95
N SER A 126 -5.93 14.60 -3.67
CA SER A 126 -4.88 15.09 -4.56
C SER A 126 -5.04 14.54 -5.98
N LYS A 127 -5.16 13.22 -6.09
N LYS A 127 -5.17 13.22 -6.10
CA LYS A 127 -5.29 12.59 -7.40
CA LYS A 127 -5.27 12.64 -7.42
C LYS A 127 -6.65 12.86 -8.04
C LYS A 127 -6.65 12.82 -8.05
N TYR A 128 -7.69 12.96 -7.23
CA TYR A 128 -9.02 13.25 -7.78
C TYR A 128 -9.03 14.67 -8.34
N ALA A 129 -8.39 15.59 -7.63
CA ALA A 129 -8.28 16.97 -8.11
C ALA A 129 -7.68 17.00 -9.50
N LEU A 130 -6.63 16.21 -9.69
CA LEU A 130 -5.92 16.17 -10.96
C LEU A 130 -6.75 15.48 -12.05
N ALA A 131 -7.32 14.32 -11.74
CA ALA A 131 -8.11 13.57 -12.71
C ALA A 131 -9.39 14.29 -13.15
N GLY A 132 -10.08 14.86 -12.17
CA GLY A 132 -11.36 15.47 -12.44
C GLY A 132 -11.28 16.96 -12.74
N GLY A 133 -10.07 17.53 -12.62
CA GLY A 133 -9.89 18.96 -12.78
C GLY A 133 -10.72 19.73 -11.77
N GLU A 134 -10.88 19.13 -10.60
CA GLU A 134 -11.69 19.72 -9.53
C GLU A 134 -10.81 20.44 -8.52
N GLU A 135 -10.75 21.76 -8.66
CA GLU A 135 -9.86 22.57 -7.84
C GLU A 135 -10.19 22.51 -6.36
N TRP A 136 -11.47 22.38 -6.03
CA TRP A 136 -11.88 22.33 -4.63
C TRP A 136 -11.24 21.15 -3.90
N ALA A 137 -10.94 20.08 -4.64
CA ALA A 137 -10.35 18.90 -4.03
C ALA A 137 -8.89 19.14 -3.63
N LYS A 138 -8.24 20.13 -4.24
CA LYS A 138 -6.85 20.46 -3.86
C LYS A 138 -6.74 20.87 -2.40
N ASP A 139 -7.67 21.69 -1.94
CA ASP A 139 -7.60 22.20 -0.57
C ASP A 139 -8.04 21.16 0.45
N VAL A 140 -8.96 20.27 0.06
CA VAL A 140 -9.26 19.12 0.91
C VAL A 140 -7.98 18.33 1.13
N ALA A 141 -7.24 18.09 0.06
CA ALA A 141 -5.99 17.35 0.12
C ALA A 141 -4.95 18.05 0.97
N MET A 142 -4.78 19.36 0.77
CA MET A 142 -3.74 20.11 1.47
C MET A 142 -4.01 20.17 2.97
N GLN A 143 -5.28 20.29 3.33
CA GLN A 143 -5.70 20.20 4.72
C GLN A 143 -5.31 18.86 5.34
N ALA A 144 -5.69 17.78 4.67
CA ALA A 144 -5.36 16.46 5.17
C ALA A 144 -3.83 16.25 5.23
N TYR A 145 -3.08 16.78 4.26
CA TYR A 145 -1.64 16.59 4.29
C TYR A 145 -0.98 17.37 5.45
N ASN A 146 -1.43 18.56 5.81
CA ASN A 146 -0.67 19.26 6.81
C ASN A 146 -1.02 18.68 8.16
N ASN A 147 -2.16 17.99 8.23
CA ASN A 147 -2.50 17.33 9.47
C ASN A 147 -1.59 16.14 9.71
N VAL A 148 -1.17 15.49 8.63
CA VAL A 148 -0.24 14.37 8.75
C VAL A 148 1.15 14.85 9.19
N LEU A 149 1.67 15.90 8.56
N LEU A 149 1.64 15.90 8.54
CA LEU A 149 3.01 16.37 8.95
CA LEU A 149 2.91 16.53 8.87
C LEU A 149 3.02 17.01 10.33
C LEU A 149 2.92 16.98 10.33
N ARG A 150 1.91 17.66 10.69
N ARG A 150 1.89 17.73 10.70
CA ARG A 150 1.79 18.29 12.01
CA ARG A 150 1.78 18.33 12.04
C ARG A 150 1.79 17.24 13.11
C ARG A 150 1.71 17.27 13.15
N ARG A 151 1.09 16.13 12.85
CA ARG A 151 0.92 15.07 13.83
C ARG A 151 1.93 13.94 13.68
N LYS A 152 2.91 14.12 12.81
CA LYS A 152 3.86 13.05 12.48
C LYS A 152 4.64 12.51 13.67
N ASP A 153 5.02 13.40 14.60
CA ASP A 153 5.91 13.02 15.69
C ASP A 153 5.19 12.35 16.86
N ASN A 154 3.89 12.61 17.03
CA ASN A 154 3.06 11.78 17.90
C ASN A 154 1.73 11.56 17.18
N PRO A 155 1.66 10.54 16.33
CA PRO A 155 0.53 10.22 15.45
C PRO A 155 -0.76 9.87 16.19
N LYS A 156 -0.69 9.56 17.47
CA LYS A 156 -1.87 9.17 18.23
C LYS A 156 -2.16 10.14 19.38
N GLY A 165 7.99 8.84 28.26
CA GLY A 165 9.18 8.93 29.07
C GLY A 165 9.83 7.58 29.35
N THR A 166 9.01 6.58 29.69
CA THR A 166 9.55 5.29 30.15
C THR A 166 10.26 4.50 29.05
N ARG A 167 9.62 4.43 27.89
CA ARG A 167 10.14 3.63 26.79
C ARG A 167 9.80 4.29 25.46
N PRO A 168 10.58 5.31 25.09
CA PRO A 168 10.31 6.02 23.82
C PRO A 168 10.55 5.13 22.60
N MET A 169 9.56 5.05 21.73
CA MET A 169 9.68 4.26 20.50
C MET A 169 8.97 4.94 19.34
N LYS A 170 9.39 4.62 18.12
CA LYS A 170 8.72 5.13 16.94
C LYS A 170 8.53 4.01 15.94
N SER A 171 7.51 4.17 15.10
CA SER A 171 7.03 3.14 14.19
C SER A 171 7.43 3.39 12.74
N LEU A 172 7.74 2.32 12.01
CA LEU A 172 8.12 2.41 10.61
C LEU A 172 6.98 2.97 9.74
N ALA A 173 5.74 2.66 10.11
CA ALA A 173 4.59 3.02 9.27
C ALA A 173 4.52 4.52 9.01
N VAL A 174 4.96 5.32 9.97
CA VAL A 174 4.83 6.78 9.87
C VAL A 174 5.75 7.37 8.78
N PRO A 175 7.08 7.15 8.83
CA PRO A 175 7.83 7.73 7.69
C PRO A 175 7.51 7.07 6.35
N MET A 176 7.15 5.79 6.39
CA MET A 176 6.75 5.05 5.18
C MET A 176 5.62 5.73 4.44
N ILE A 177 4.52 5.97 5.15
CA ILE A 177 3.33 6.48 4.51
C ILE A 177 3.56 7.93 4.15
N LEU A 178 4.36 8.63 4.93
CA LEU A 178 4.62 10.04 4.68
C LEU A 178 5.52 10.22 3.45
N ALA A 179 6.41 9.26 3.22
CA ALA A 179 7.25 9.29 2.02
C ALA A 179 6.40 9.09 0.76
N ASN A 180 5.73 7.93 0.67
CA ASN A 180 4.91 7.61 -0.50
C ASN A 180 3.83 8.64 -0.75
N LEU A 181 3.28 9.19 0.32
CA LEU A 181 2.26 10.23 0.22
C LEU A 181 2.81 11.49 -0.41
N THR A 182 4.00 11.89 0.02
CA THR A 182 4.64 13.09 -0.48
C THR A 182 4.79 13.02 -1.99
N LEU A 183 5.11 11.83 -2.49
CA LEU A 183 5.13 11.61 -3.92
C LEU A 183 3.78 11.88 -4.55
N GLU A 184 2.70 11.45 -3.90
CA GLU A 184 1.36 11.64 -4.45
C GLU A 184 0.89 13.10 -4.32
N MET A 185 1.56 13.88 -3.46
CA MET A 185 1.24 15.30 -3.31
C MET A 185 2.14 16.23 -4.13
N GLU A 186 3.03 15.66 -4.94
CA GLU A 186 4.11 16.43 -5.56
C GLU A 186 3.64 17.66 -6.33
N TRP A 187 2.56 17.51 -7.10
CA TRP A 187 2.10 18.59 -7.97
C TRP A 187 1.52 19.77 -7.19
N LEU A 188 1.24 19.55 -5.90
CA LEU A 188 0.64 20.57 -5.06
C LEU A 188 1.61 21.23 -4.07
N LEU A 189 2.83 20.71 -4.00
CA LEU A 189 3.79 21.16 -3.00
C LEU A 189 4.92 21.99 -3.59
N PRO A 190 5.51 22.89 -2.78
CA PRO A 190 6.76 23.54 -3.18
C PRO A 190 7.83 22.48 -3.45
N LYS A 191 8.53 22.63 -4.58
CA LYS A 191 9.53 21.66 -5.02
C LYS A 191 10.55 21.35 -3.92
N GLU A 192 10.89 22.36 -3.13
N GLU A 192 10.90 22.39 -3.16
CA GLU A 192 11.90 22.20 -2.10
CA GLU A 192 11.88 22.26 -2.08
C GLU A 192 11.34 21.50 -0.87
C GLU A 192 11.32 21.46 -0.91
N THR A 193 10.04 21.69 -0.61
CA THR A 193 9.35 20.97 0.46
C THR A 193 9.32 19.48 0.15
N LEU A 194 8.93 19.15 -1.08
CA LEU A 194 8.97 17.79 -1.56
C LEU A 194 10.35 17.17 -1.40
N GLU A 195 11.36 17.86 -1.91
CA GLU A 195 12.75 17.38 -1.88
C GLU A 195 13.25 17.06 -0.47
N ASN A 196 12.91 17.94 0.46
CA ASN A 196 13.38 17.83 1.84
C ASN A 196 12.76 16.67 2.59
N VAL A 197 11.43 16.56 2.52
CA VAL A 197 10.70 15.49 3.20
C VAL A 197 11.14 14.14 2.63
N LEU A 198 11.26 14.07 1.32
CA LEU A 198 11.73 12.85 0.68
C LEU A 198 13.12 12.44 1.17
N ALA A 199 14.06 13.38 1.23
CA ALA A 199 15.41 13.02 1.66
C ALA A 199 15.42 12.62 3.14
N GLU A 200 14.69 13.35 3.95
CA GLU A 200 14.61 13.07 5.38
C GLU A 200 13.93 11.74 5.71
N THR A 201 12.81 11.44 5.05
CA THR A 201 12.08 10.21 5.36
C THR A 201 12.91 9.03 4.89
N VAL A 202 13.54 9.17 3.73
CA VAL A 202 14.42 8.11 3.23
C VAL A 202 15.61 7.91 4.17
N ARG A 203 16.21 8.98 4.66
CA ARG A 203 17.34 8.84 5.58
C ARG A 203 16.89 8.16 6.88
N GLU A 204 15.70 8.53 7.37
CA GLU A 204 15.22 7.96 8.62
C GLU A 204 14.92 6.46 8.46
N VAL A 205 14.27 6.10 7.37
CA VAL A 205 13.96 4.69 7.11
C VAL A 205 15.25 3.87 6.99
N MET A 206 16.21 4.36 6.22
CA MET A 206 17.41 3.58 5.94
C MET A 206 18.46 3.67 7.06
N THR A 207 18.28 4.58 8.01
CA THR A 207 19.20 4.67 9.16
C THR A 207 18.66 3.98 10.40
N ASP A 208 17.45 4.35 10.77
CA ASP A 208 16.88 3.94 12.05
C ASP A 208 16.13 2.61 12.00
N PHE A 209 15.37 2.38 10.94
CA PHE A 209 14.52 1.18 10.93
C PHE A 209 15.23 0.01 10.28
N LEU A 210 16.22 0.32 9.44
CA LEU A 210 17.05 -0.71 8.86
C LEU A 210 18.16 -1.08 9.83
N ASP A 211 18.22 -2.36 10.19
CA ASP A 211 19.27 -2.86 11.07
C ASP A 211 20.45 -3.25 10.17
N GLN A 212 21.55 -2.51 10.29
CA GLN A 212 22.71 -2.69 9.40
C GLN A 212 23.37 -4.06 9.55
N GLU A 213 23.27 -4.62 10.75
CA GLU A 213 23.96 -5.86 11.03
C GLU A 213 23.18 -7.05 10.49
N ARG A 214 21.86 -7.03 10.69
CA ARG A 214 21.04 -8.15 10.22
C ARG A 214 20.53 -7.94 8.80
N GLY A 215 20.56 -6.70 8.33
CA GLY A 215 20.09 -6.41 6.99
C GLY A 215 18.57 -6.51 6.88
N LEU A 216 17.89 -6.35 8.02
CA LEU A 216 16.43 -6.49 8.10
C LEU A 216 15.76 -5.21 8.57
N MET A 217 14.49 -5.02 8.19
CA MET A 217 13.70 -3.87 8.66
C MET A 217 12.96 -4.20 9.96
N TYR A 218 13.10 -3.34 10.97
CA TYR A 218 12.32 -3.48 12.21
C TYR A 218 11.12 -2.53 12.21
N GLU A 219 10.03 -2.95 12.83
CA GLU A 219 8.81 -2.15 12.85
C GLU A 219 8.88 -0.99 13.86
N ASN A 220 9.58 -1.20 14.96
CA ASN A 220 9.61 -0.21 16.05
C ASN A 220 11.01 -0.11 16.66
N VAL A 221 11.54 1.11 16.72
CA VAL A 221 12.85 1.32 17.31
C VAL A 221 12.83 2.51 18.25
N ALA A 222 13.91 2.67 19.03
CA ALA A 222 14.10 3.85 19.85
C ALA A 222 14.35 5.05 18.93
N PRO A 223 14.19 6.28 19.46
CA PRO A 223 14.45 7.47 18.63
C PRO A 223 15.82 7.48 17.94
N ASP A 224 16.86 6.93 18.55
CA ASP A 224 18.18 6.96 17.92
C ASP A 224 18.47 5.73 17.07
N GLY A 225 17.44 4.90 16.87
CA GLY A 225 17.55 3.74 16.01
C GLY A 225 17.96 2.48 16.73
N SER A 226 18.23 2.58 18.04
CA SER A 226 18.62 1.40 18.78
C SER A 226 17.40 0.51 19.07
N HIS A 227 17.65 -0.77 19.27
CA HIS A 227 16.58 -1.73 19.52
C HIS A 227 16.17 -1.71 20.98
N ILE A 228 14.93 -2.08 21.24
CA ILE A 228 14.46 -2.25 22.61
C ILE A 228 13.93 -3.66 22.72
N ASP A 229 14.35 -4.38 23.75
CA ASP A 229 13.95 -5.76 23.92
C ASP A 229 12.54 -5.82 24.53
N CYS A 230 11.52 -5.78 23.68
CA CYS A 230 10.13 -5.86 24.12
C CYS A 230 9.32 -6.40 22.94
N PHE A 231 8.03 -6.67 23.11
CA PHE A 231 7.25 -7.23 22.00
C PHE A 231 7.34 -6.34 20.76
N GLU A 232 7.17 -5.05 20.96
CA GLU A 232 7.19 -4.09 19.85
C GLU A 232 8.56 -3.99 19.19
N GLY A 233 9.59 -3.95 20.01
CA GLY A 233 10.96 -3.78 19.54
C GLY A 233 11.59 -5.00 18.88
N ARG A 234 10.97 -6.17 19.05
CA ARG A 234 11.44 -7.40 18.40
C ARG A 234 10.65 -7.71 17.12
N LEU A 235 9.62 -6.91 16.84
CA LEU A 235 8.66 -7.29 15.79
C LEU A 235 9.17 -7.05 14.37
N ILE A 236 9.04 -8.07 13.54
CA ILE A 236 9.30 -7.99 12.09
C ILE A 236 7.97 -8.22 11.37
N ASN A 237 7.66 -7.35 10.41
CA ASN A 237 6.54 -7.56 9.50
C ASN A 237 7.13 -7.63 8.09
N PRO A 238 7.42 -8.85 7.63
CA PRO A 238 8.17 -9.02 6.37
C PRO A 238 7.64 -8.18 5.21
N GLY A 239 6.34 -8.28 4.93
CA GLY A 239 5.75 -7.55 3.83
C GLY A 239 5.82 -6.03 3.99
N HIS A 240 5.70 -5.56 5.22
CA HIS A 240 5.72 -4.12 5.47
C HIS A 240 7.08 -3.53 5.08
N GLY A 241 8.14 -4.23 5.48
CA GLY A 241 9.50 -3.79 5.17
C GLY A 241 9.78 -3.87 3.67
N ILE A 242 9.27 -4.91 3.03
CA ILE A 242 9.44 -5.05 1.59
C ILE A 242 8.72 -3.93 0.83
N GLU A 243 7.51 -3.58 1.26
CA GLU A 243 6.81 -2.46 0.68
C GLU A 243 7.58 -1.15 0.85
N ALA A 244 8.10 -0.92 2.05
CA ALA A 244 8.90 0.28 2.30
C ALA A 244 10.09 0.33 1.34
N MET A 245 10.71 -0.82 1.08
CA MET A 245 11.87 -0.83 0.20
C MET A 245 11.53 -0.46 -1.24
N TRP A 246 10.38 -0.87 -1.77
CA TRP A 246 10.13 -0.41 -3.13
C TRP A 246 9.71 1.06 -3.12
N PHE A 247 9.12 1.55 -2.02
CA PHE A 247 8.88 2.99 -1.87
C PHE A 247 10.22 3.71 -2.01
N ILE A 248 11.22 3.20 -1.29
CA ILE A 248 12.57 3.79 -1.29
C ILE A 248 13.20 3.71 -2.69
N MET A 249 13.06 2.56 -3.35
CA MET A 249 13.54 2.43 -4.74
C MET A 249 12.96 3.51 -5.65
N ASP A 250 11.65 3.67 -5.56
CA ASP A 250 10.93 4.63 -6.39
C ASP A 250 11.44 6.05 -6.16
N ILE A 251 11.64 6.41 -4.90
CA ILE A 251 12.16 7.74 -4.56
C ILE A 251 13.62 7.92 -4.98
N ALA A 252 14.44 6.90 -4.77
CA ALA A 252 15.87 6.97 -5.10
C ALA A 252 16.07 7.06 -6.62
N ARG A 253 15.22 6.36 -7.36
CA ARG A 253 15.24 6.40 -8.82
C ARG A 253 15.13 7.83 -9.35
N ARG A 254 14.31 8.65 -8.70
CA ARG A 254 14.13 10.06 -9.08
C ARG A 254 15.43 10.85 -9.12
N GLN A 255 16.33 10.57 -8.17
CA GLN A 255 17.63 11.25 -8.13
C GLN A 255 18.72 10.40 -8.76
N ASN A 256 18.31 9.33 -9.45
CA ASN A 256 19.21 8.29 -9.93
C ASN A 256 20.25 7.90 -8.88
N ASP A 257 19.79 7.81 -7.64
CA ASP A 257 20.62 7.38 -6.53
C ASP A 257 20.71 5.85 -6.56
N THR A 258 21.61 5.35 -7.40
CA THR A 258 21.77 3.93 -7.64
C THR A 258 22.22 3.18 -6.39
N LYS A 259 23.05 3.82 -5.57
CA LYS A 259 23.50 3.20 -4.33
C LYS A 259 22.33 2.88 -3.42
N THR A 260 21.42 3.83 -3.26
CA THR A 260 20.25 3.60 -2.40
C THR A 260 19.32 2.57 -3.01
N ILE A 261 19.14 2.63 -4.33
CA ILE A 261 18.32 1.61 -4.98
C ILE A 261 18.87 0.23 -4.68
N ASN A 262 20.19 0.06 -4.80
CA ASN A 262 20.75 -1.26 -4.59
C ASN A 262 20.74 -1.70 -3.14
N GLN A 263 20.81 -0.75 -2.20
N GLN A 263 20.80 -0.74 -2.22
CA GLN A 263 20.72 -1.12 -0.80
CA GLN A 263 20.71 -1.03 -0.80
C GLN A 263 19.31 -1.61 -0.51
C GLN A 263 19.31 -1.57 -0.48
N ALA A 264 18.31 -0.94 -1.07
CA ALA A 264 16.91 -1.34 -0.89
C ALA A 264 16.69 -2.74 -1.43
N VAL A 265 17.31 -3.05 -2.57
CA VAL A 265 17.18 -4.39 -3.15
C VAL A 265 17.87 -5.43 -2.27
N ASP A 266 19.04 -5.11 -1.72
CA ASP A 266 19.72 -5.97 -0.75
C ASP A 266 18.76 -6.37 0.37
N VAL A 267 18.06 -5.37 0.90
CA VAL A 267 17.18 -5.56 2.06
C VAL A 267 15.99 -6.46 1.67
N VAL A 268 15.39 -6.19 0.51
CA VAL A 268 14.31 -7.06 0.03
C VAL A 268 14.75 -8.53 -0.02
N LEU A 269 15.91 -8.78 -0.60
CA LEU A 269 16.37 -10.17 -0.71
C LEU A 269 16.64 -10.77 0.66
N ASN A 270 17.20 -9.98 1.58
CA ASN A 270 17.42 -10.45 2.96
C ASN A 270 16.11 -10.86 3.64
N ILE A 271 15.09 -10.02 3.49
CA ILE A 271 13.80 -10.28 4.14
C ILE A 271 13.16 -11.54 3.56
N LEU A 272 13.20 -11.70 2.24
CA LEU A 272 12.63 -12.90 1.63
C LEU A 272 13.32 -14.16 2.12
N ASN A 273 14.65 -14.15 2.19
CA ASN A 273 15.36 -15.32 2.67
C ASN A 273 15.07 -15.63 4.13
N PHE A 274 14.83 -14.58 4.92
CA PHE A 274 14.53 -14.70 6.34
C PHE A 274 13.10 -15.22 6.60
N ALA A 275 12.14 -14.75 5.80
CA ALA A 275 10.72 -14.89 6.13
C ALA A 275 9.97 -15.95 5.33
N TRP A 276 10.63 -16.58 4.37
CA TRP A 276 9.98 -17.62 3.58
C TRP A 276 9.74 -18.88 4.41
N ASP A 277 8.53 -19.41 4.29
CA ASP A 277 8.07 -20.62 4.96
C ASP A 277 8.54 -21.81 4.15
N SER A 278 9.58 -22.50 4.63
CA SER A 278 10.18 -23.58 3.84
C SER A 278 9.32 -24.84 3.83
N GLU A 279 8.34 -24.91 4.71
CA GLU A 279 7.45 -26.06 4.70
C GLU A 279 6.26 -25.89 3.74
N TYR A 280 5.57 -24.75 3.81
CA TYR A 280 4.36 -24.56 3.02
C TYR A 280 4.46 -23.49 1.92
N GLY A 281 5.57 -22.78 1.86
CA GLY A 281 5.73 -21.68 0.92
C GLY A 281 5.08 -20.39 1.43
N GLY A 282 5.48 -19.25 0.87
CA GLY A 282 4.93 -17.97 1.26
C GLY A 282 5.68 -17.31 2.40
N LEU A 283 5.43 -16.01 2.61
CA LEU A 283 6.05 -15.25 3.68
C LEU A 283 5.14 -15.14 4.90
N TYR A 284 5.72 -15.28 6.08
CA TYR A 284 4.94 -15.10 7.30
C TYR A 284 4.48 -13.65 7.45
N TYR A 285 3.35 -13.47 8.11
CA TYR A 285 2.79 -12.15 8.34
C TYR A 285 3.62 -11.37 9.37
N PHE A 286 3.92 -12.02 10.50
CA PHE A 286 4.75 -11.44 11.56
C PHE A 286 5.79 -12.44 12.04
N MET A 287 6.94 -11.94 12.46
CA MET A 287 7.97 -12.77 13.07
C MET A 287 8.61 -12.03 14.24
N ASP A 288 9.05 -12.78 15.23
CA ASP A 288 9.82 -12.19 16.32
C ASP A 288 11.31 -12.30 15.96
N ALA A 289 12.03 -11.17 16.00
CA ALA A 289 13.42 -11.15 15.51
C ALA A 289 14.34 -12.05 16.32
N ASP A 290 14.00 -12.28 17.57
CA ASP A 290 14.88 -13.05 18.47
C ASP A 290 14.39 -14.50 18.65
N GLY A 291 13.39 -14.90 17.88
CA GLY A 291 12.86 -16.25 17.95
C GLY A 291 12.00 -16.55 19.17
N HIS A 292 11.50 -15.51 19.84
CA HIS A 292 10.57 -15.73 20.95
C HIS A 292 9.14 -15.88 20.40
N PRO A 293 8.20 -16.41 21.21
CA PRO A 293 6.81 -16.48 20.73
C PRO A 293 6.20 -15.09 20.53
N PRO A 294 5.72 -14.81 19.32
CA PRO A 294 5.09 -13.51 19.00
C PRO A 294 3.84 -13.26 19.85
N GLN A 295 3.42 -12.01 19.99
CA GLN A 295 2.12 -11.75 20.61
C GLN A 295 0.99 -11.83 19.58
N GLN A 296 1.33 -11.91 18.29
CA GLN A 296 0.31 -11.91 17.24
C GLN A 296 -0.17 -13.32 16.90
N LEU A 297 -1.45 -13.57 17.17
CA LEU A 297 -2.04 -14.88 16.84
C LEU A 297 -2.08 -15.14 15.34
N GLU A 298 -1.96 -14.06 14.54
CA GLU A 298 -2.02 -14.21 13.08
C GLU A 298 -0.63 -14.32 12.44
N TRP A 299 0.41 -14.55 13.24
CA TRP A 299 1.77 -14.43 12.72
C TRP A 299 2.09 -15.33 11.53
N ASP A 300 1.56 -16.55 11.51
CA ASP A 300 1.96 -17.49 10.46
C ASP A 300 1.06 -17.46 9.24
N GLN A 301 0.14 -16.49 9.19
CA GLN A 301 -0.82 -16.42 8.09
C GLN A 301 -0.20 -15.84 6.82
N LYS A 302 -0.84 -16.10 5.69
CA LYS A 302 -0.34 -15.72 4.38
C LYS A 302 -1.31 -14.72 3.74
N LEU A 303 -0.88 -13.47 3.66
CA LEU A 303 -1.78 -12.37 3.28
C LEU A 303 -1.52 -11.85 1.88
N TRP A 304 -2.61 -11.46 1.20
CA TRP A 304 -2.48 -11.04 -0.18
C TRP A 304 -1.47 -9.91 -0.39
N TRP A 305 -1.50 -8.87 0.43
CA TRP A 305 -0.69 -7.69 0.11
C TRP A 305 0.79 -7.94 0.41
N VAL A 306 1.06 -8.82 1.36
CA VAL A 306 2.43 -9.19 1.71
C VAL A 306 3.11 -9.76 0.47
N HIS A 307 2.34 -10.55 -0.28
CA HIS A 307 2.90 -11.23 -1.44
C HIS A 307 2.87 -10.35 -2.69
N LEU A 308 1.81 -9.54 -2.82
CA LEU A 308 1.73 -8.61 -3.95
C LEU A 308 2.79 -7.51 -3.88
N GLU A 309 3.05 -6.98 -2.69
CA GLU A 309 4.05 -5.93 -2.58
C GLU A 309 5.45 -6.51 -2.80
N SER A 310 5.59 -7.82 -2.54
CA SER A 310 6.84 -8.51 -2.83
C SER A 310 7.02 -8.67 -4.35
N LEU A 311 5.93 -8.98 -5.05
CA LEU A 311 6.00 -9.02 -6.52
C LEU A 311 6.42 -7.66 -7.09
N VAL A 312 5.83 -6.59 -6.57
CA VAL A 312 6.18 -5.23 -7.02
C VAL A 312 7.68 -4.96 -6.74
N ALA A 313 8.12 -5.24 -5.52
CA ALA A 313 9.49 -4.92 -5.14
C ALA A 313 10.51 -5.68 -5.98
N LEU A 314 10.21 -6.95 -6.28
CA LEU A 314 11.12 -7.77 -7.09
C LEU A 314 11.10 -7.38 -8.57
N ALA A 315 9.91 -7.13 -9.12
CA ALA A 315 9.82 -6.62 -10.50
C ALA A 315 10.53 -5.27 -10.64
N MET A 316 10.26 -4.36 -9.71
CA MET A 316 10.88 -3.04 -9.75
C MET A 316 12.40 -3.14 -9.51
N GLY A 317 12.81 -4.00 -8.57
CA GLY A 317 14.23 -4.20 -8.31
C GLY A 317 14.95 -4.72 -9.53
N TYR A 318 14.34 -5.68 -10.23
CA TYR A 318 14.94 -6.21 -11.45
C TYR A 318 14.96 -5.16 -12.56
N ARG A 319 13.88 -4.42 -12.71
CA ARG A 319 13.85 -3.37 -13.73
C ARG A 319 14.92 -2.32 -13.47
N LEU A 320 15.11 -1.96 -12.21
CA LEU A 320 16.03 -0.87 -11.86
C LEU A 320 17.50 -1.30 -11.83
N THR A 321 17.78 -2.56 -11.49
CA THR A 321 19.16 -3.00 -11.29
C THR A 321 19.62 -4.18 -12.15
N GLY A 322 18.69 -4.95 -12.71
CA GLY A 322 19.05 -6.11 -13.51
C GLY A 322 19.64 -7.28 -12.75
N ARG A 323 19.59 -7.23 -11.41
CA ARG A 323 20.22 -8.26 -10.60
C ARG A 323 19.47 -9.58 -10.66
N GLU A 324 20.19 -10.62 -11.06
CA GLU A 324 19.61 -11.94 -11.31
C GLU A 324 18.82 -12.47 -10.12
N ALA A 325 19.27 -12.17 -8.90
CA ALA A 325 18.59 -12.69 -7.72
C ALA A 325 17.15 -12.18 -7.63
N CYS A 326 16.91 -10.96 -8.11
CA CYS A 326 15.55 -10.41 -8.12
C CYS A 326 14.67 -11.22 -9.06
N TRP A 327 15.22 -11.62 -10.20
CA TRP A 327 14.44 -12.37 -11.19
C TRP A 327 14.16 -13.78 -10.69
N GLU A 328 15.14 -14.38 -10.02
CA GLU A 328 14.96 -15.71 -9.45
C GLU A 328 13.91 -15.70 -8.33
N TRP A 329 14.01 -14.73 -7.43
CA TRP A 329 12.99 -14.59 -6.39
C TRP A 329 11.63 -14.18 -6.99
N TYR A 330 11.64 -13.38 -8.06
CA TYR A 330 10.36 -13.02 -8.68
C TYR A 330 9.60 -14.29 -9.09
N GLN A 331 10.30 -15.20 -9.76
CA GLN A 331 9.65 -16.39 -10.28
C GLN A 331 9.10 -17.24 -9.14
N LYS A 332 9.86 -17.36 -8.07
CA LYS A 332 9.45 -18.16 -6.91
C LYS A 332 8.19 -17.56 -6.25
N MET A 333 8.19 -16.24 -6.11
CA MET A 333 7.07 -15.53 -5.51
C MET A 333 5.83 -15.55 -6.41
N HIS A 334 6.06 -15.41 -7.72
CA HIS A 334 4.97 -15.44 -8.71
C HIS A 334 4.22 -16.76 -8.66
N ASP A 335 4.96 -17.87 -8.73
CA ASP A 335 4.34 -19.20 -8.69
C ASP A 335 3.49 -19.38 -7.43
N TYR A 336 4.00 -18.91 -6.29
CA TYR A 336 3.27 -19.05 -5.04
C TYR A 336 2.02 -18.16 -5.04
N ALA A 337 2.20 -16.87 -5.30
CA ALA A 337 1.10 -15.92 -5.11
C ALA A 337 -0.04 -16.15 -6.09
N TRP A 338 0.28 -16.40 -7.36
CA TRP A 338 -0.75 -16.55 -8.37
C TRP A 338 -1.51 -17.86 -8.17
N SER A 339 -0.83 -18.89 -7.70
CA SER A 339 -1.52 -20.15 -7.48
C SER A 339 -2.33 -20.19 -6.19
N HIS A 340 -2.07 -19.28 -5.26
CA HIS A 340 -2.75 -19.37 -3.95
C HIS A 340 -3.84 -18.32 -3.72
N PHE A 341 -3.67 -17.12 -4.26
CA PHE A 341 -4.60 -16.02 -3.97
C PHE A 341 -5.58 -15.71 -5.11
N ALA A 342 -5.14 -15.85 -6.35
CA ALA A 342 -5.99 -15.43 -7.47
C ALA A 342 -7.17 -16.38 -7.66
N ASP A 343 -8.36 -15.81 -7.81
CA ASP A 343 -9.57 -16.61 -7.95
C ASP A 343 -10.12 -16.48 -9.37
N SER A 344 -9.74 -17.42 -10.24
CA SER A 344 -10.08 -17.31 -11.66
C SER A 344 -11.59 -17.42 -11.89
N GLU A 345 -12.27 -18.15 -11.03
CA GLU A 345 -13.70 -18.41 -11.23
C GLU A 345 -14.57 -17.18 -10.97
N TYR A 346 -14.31 -16.45 -9.89
CA TYR A 346 -15.20 -15.35 -9.52
C TYR A 346 -14.58 -13.95 -9.61
N GLY A 347 -13.27 -13.89 -9.76
CA GLY A 347 -12.61 -12.61 -9.94
C GLY A 347 -11.90 -12.16 -8.69
N GLU A 348 -10.96 -11.24 -8.87
CA GLU A 348 -10.16 -10.64 -7.78
C GLU A 348 -9.32 -11.69 -7.06
N TRP A 349 -8.72 -11.29 -5.94
CA TRP A 349 -7.81 -12.14 -5.16
C TRP A 349 -8.37 -12.33 -3.75
N PHE A 350 -8.30 -13.55 -3.21
CA PHE A 350 -8.51 -13.74 -1.77
C PHE A 350 -7.51 -12.89 -1.01
N GLY A 351 -7.92 -12.41 0.16
CA GLY A 351 -6.99 -11.68 1.00
C GLY A 351 -6.29 -12.54 2.04
N TYR A 352 -7.00 -13.51 2.59
CA TYR A 352 -6.58 -14.13 3.85
C TYR A 352 -6.52 -15.65 3.75
N LEU A 353 -5.29 -16.18 3.80
CA LEU A 353 -5.04 -17.62 3.83
C LEU A 353 -4.38 -18.00 5.14
N ASN A 354 -4.56 -19.24 5.59
CA ASN A 354 -3.80 -19.72 6.75
C ASN A 354 -2.38 -20.11 6.30
N ARG A 355 -1.56 -20.57 7.24
CA ARG A 355 -0.17 -20.91 6.92
C ARG A 355 -0.06 -21.90 5.76
N ARG A 356 -0.94 -22.90 5.73
CA ARG A 356 -0.95 -23.93 4.68
C ARG A 356 -1.46 -23.42 3.33
N GLY A 357 -1.89 -22.16 3.26
CA GLY A 357 -2.37 -21.61 2.01
C GLY A 357 -3.85 -21.85 1.73
N GLU A 358 -4.60 -22.31 2.75
CA GLU A 358 -6.04 -22.55 2.62
C GLU A 358 -6.80 -21.27 2.89
N VAL A 359 -7.92 -21.07 2.21
CA VAL A 359 -8.71 -19.85 2.42
C VAL A 359 -9.23 -19.79 3.87
N LEU A 360 -8.91 -18.69 4.56
CA LEU A 360 -9.25 -18.52 5.97
C LEU A 360 -10.54 -17.68 6.15
N LEU A 361 -10.66 -16.64 5.35
CA LEU A 361 -11.88 -15.83 5.30
C LEU A 361 -12.37 -15.84 3.88
N ASN A 362 -13.62 -16.21 3.68
CA ASN A 362 -14.15 -16.36 2.33
C ASN A 362 -14.64 -15.04 1.76
N LEU A 363 -13.71 -14.10 1.60
CA LEU A 363 -14.05 -12.75 1.16
C LEU A 363 -13.13 -12.26 0.05
N LYS A 364 -13.60 -11.25 -0.69
CA LYS A 364 -12.74 -10.50 -1.59
C LYS A 364 -12.51 -9.09 -1.03
N GLY A 365 -13.37 -8.64 -0.12
CA GLY A 365 -13.09 -7.41 0.59
C GLY A 365 -13.67 -7.38 2.00
N GLY A 366 -13.22 -6.42 2.81
CA GLY A 366 -13.68 -6.34 4.18
C GLY A 366 -13.39 -5.00 4.80
N LYS A 367 -13.09 -5.00 6.10
CA LYS A 367 -12.77 -3.76 6.79
C LYS A 367 -11.41 -3.21 6.37
N TRP A 368 -10.52 -4.10 5.92
CA TRP A 368 -9.13 -3.72 5.64
C TRP A 368 -8.68 -4.07 4.23
N LYS A 369 -9.52 -4.77 3.47
CA LYS A 369 -9.19 -5.06 2.07
C LYS A 369 -10.22 -4.41 1.16
N GLY A 370 -9.74 -3.56 0.26
CA GLY A 370 -10.60 -2.86 -0.68
C GLY A 370 -9.92 -2.71 -2.03
N CYS A 371 -10.27 -1.67 -2.75
CA CYS A 371 -9.79 -1.51 -4.12
C CYS A 371 -8.45 -0.76 -4.13
N PHE A 372 -7.37 -1.41 -3.69
CA PHE A 372 -6.10 -0.70 -3.51
C PHE A 372 -4.86 -1.59 -3.72
N HIS A 373 -4.50 -2.43 -2.75
CA HIS A 373 -3.25 -3.21 -2.89
C HIS A 373 -3.24 -4.07 -4.16
N VAL A 374 -4.35 -4.74 -4.47
CA VAL A 374 -4.39 -5.59 -5.67
C VAL A 374 -4.27 -4.75 -6.96
N PRO A 375 -5.20 -3.80 -7.21
CA PRO A 375 -5.01 -3.06 -8.48
C PRO A 375 -3.70 -2.26 -8.56
N ARG A 376 -3.25 -1.65 -7.47
CA ARG A 376 -1.98 -0.91 -7.52
C ARG A 376 -0.83 -1.85 -7.85
N ALA A 377 -0.79 -3.01 -7.21
CA ALA A 377 0.31 -3.95 -7.47
C ALA A 377 0.28 -4.48 -8.89
N LEU A 378 -0.92 -4.84 -9.38
CA LEU A 378 -1.00 -5.34 -10.76
C LEU A 378 -0.58 -4.26 -11.76
N TYR A 379 -1.04 -3.02 -11.54
CA TYR A 379 -0.62 -1.90 -12.38
C TYR A 379 0.92 -1.69 -12.34
N LEU A 380 1.50 -1.68 -11.15
CA LEU A 380 2.95 -1.46 -11.03
C LEU A 380 3.75 -2.58 -11.69
N CYS A 381 3.30 -3.82 -11.54
CA CYS A 381 4.02 -4.94 -12.15
C CYS A 381 3.91 -4.89 -13.68
N TRP A 382 2.72 -4.53 -14.19
CA TRP A 382 2.55 -4.30 -15.62
C TRP A 382 3.57 -3.25 -16.09
N GLN A 383 3.66 -2.13 -15.36
CA GLN A 383 4.63 -1.09 -15.68
C GLN A 383 6.07 -1.56 -15.72
N GLN A 384 6.49 -2.35 -14.72
CA GLN A 384 7.89 -2.81 -14.68
C GLN A 384 8.21 -3.70 -15.87
N PHE A 385 7.33 -4.65 -16.17
CA PHE A 385 7.65 -5.59 -17.24
C PHE A 385 7.49 -4.94 -18.61
N GLU A 386 6.59 -3.97 -18.74
CA GLU A 386 6.47 -3.24 -20.00
C GLU A 386 7.74 -2.41 -20.23
N ALA A 387 8.27 -1.81 -19.18
CA ALA A 387 9.49 -1.02 -19.27
C ALA A 387 10.69 -1.91 -19.62
N ILE A 388 10.69 -3.12 -19.09
CA ILE A 388 11.75 -4.10 -19.37
C ILE A 388 11.70 -4.54 -20.85
N ALA A 389 10.50 -4.77 -21.38
CA ALA A 389 10.33 -5.19 -22.77
C ALA A 389 10.50 -4.04 -23.78
N THR A 390 10.19 -2.83 -23.33
CA THR A 390 10.12 -1.69 -24.24
C THR A 390 10.82 -0.46 -23.67
N PRO A 391 12.08 -0.24 -24.06
CA PRO A 391 12.83 0.89 -23.50
C PRO A 391 12.14 2.22 -23.82
N LEU A 392 12.08 3.10 -22.83
CA LEU A 392 11.34 4.36 -22.95
C LEU A 392 12.11 5.38 -23.80
CL CL B . -6.50 -2.97 -0.07
C1 EDO C . 1.73 -25.05 13.06
O1 EDO C . 3.12 -25.36 13.24
C2 EDO C . 1.51 -23.58 13.38
O2 EDO C . 2.31 -22.80 12.48
C1 EDO D . -7.33 -19.49 -5.07
O1 EDO D . -8.57 -19.60 -5.80
C2 EDO D . -6.64 -20.84 -5.05
O2 EDO D . -6.45 -21.29 -6.40
C1 EDO E . 1.94 0.18 -18.22
O1 EDO E . 3.16 0.95 -18.21
C2 EDO E . 0.76 1.12 -18.02
O2 EDO E . 0.77 2.10 -19.07
C1 EDO F . -2.98 -3.29 4.57
O1 EDO F . -2.66 -1.95 4.18
C2 EDO F . -4.50 -3.46 4.64
O2 EDO F . -5.05 -3.25 3.34
#